data_4UGB
#
_entry.id   4UGB
#
_cell.length_a   80.600
_cell.length_b   95.050
_cell.length_c   63.080
_cell.angle_alpha   90.00
_cell.angle_beta   90.00
_cell.angle_gamma   90.00
#
_symmetry.space_group_name_H-M   'P 21 21 2'
#
loop_
_entity.id
_entity.type
_entity.pdbx_description
1 polymer 'NITRIC OXIDE SYNTHASE OXYGENASE'
2 non-polymer 'PROTOPORPHYRIN IX CONTAINING FE'
3 non-polymer 5,6,7,8-TETRAHYDROBIOPTERIN
4 non-polymer 'CHLORIDE ION'
5 non-polymer 6-({[5-({[2-(3-fluorophenyl)ethyl]amino}methyl)pyridin-3-yl]oxy}methyl)-4-methylpyridin-2-amine
6 water water
#
_entity_poly.entity_id   1
_entity_poly.type   'polypeptide(L)'
_entity_poly.pdbx_seq_one_letter_code
;MEEKEILWNEAKAFIAACYQELGKAAEVKDRLADIKSEIDLTGSYVHTKEELEHGAKMAWRNSNRCIGRLFWNSLNVIDR
RDVRTKEEVRDALFHHIETATNNGKIRPTITIFPPEEKGEKQVEIWNHQLIRYAGYESDGERIGDPASCSLTAACEELGW
RGERTDFDLLPLIFRMKGDEQPVWYELPRSLVIEVPITHPDIEAFSDLELKWYGVPIISDMKLEVGGIHYNAAPFNGWYM
GTEIGARNLADEKRYDKLKKVASVIGIAADYNTDLWKDQALVELNKAVLHSYKKQGVSIVDHHTAASQFKRFEEQAEEAG
RKLTGDWTWLIPPISPAATHIFHRSYDNSIVKPNYFYQDKPYE
;
_entity_poly.pdbx_strand_id   A
#
loop_
_chem_comp.id
_chem_comp.type
_chem_comp.name
_chem_comp.formula
CL non-polymer 'CHLORIDE ION' 'Cl -1'
H4B non-polymer 5,6,7,8-TETRAHYDROBIOPTERIN 'C9 H15 N5 O3'
HEM non-polymer 'PROTOPORPHYRIN IX CONTAINING FE' 'C34 H32 Fe N4 O4'
QJ7 non-polymer 6-({[5-({[2-(3-fluorophenyl)ethyl]amino}methyl)pyridin-3-yl]oxy}methyl)-4-methylpyridin-2-amine 'C21 H23 F N4 O'
#
# COMPACT_ATOMS: atom_id res chain seq x y z
N GLU A 2 19.27 -19.65 -18.07
CA GLU A 2 19.07 -18.21 -17.97
C GLU A 2 18.31 -17.82 -16.69
N GLU A 3 17.18 -18.48 -16.47
CA GLU A 3 16.34 -18.24 -15.30
C GLU A 3 17.14 -18.32 -13.99
N LYS A 4 18.02 -19.31 -13.90
CA LYS A 4 18.79 -19.56 -12.69
C LYS A 4 20.01 -18.64 -12.59
N GLU A 5 20.55 -18.25 -13.75
CA GLU A 5 21.65 -17.30 -13.79
C GLU A 5 21.18 -15.93 -13.30
N ILE A 6 19.96 -15.54 -13.70
CA ILE A 6 19.34 -14.31 -13.20
C ILE A 6 19.23 -14.37 -11.67
N LEU A 7 18.80 -15.52 -11.15
CA LEU A 7 18.62 -15.71 -9.71
C LEU A 7 19.94 -15.59 -8.97
N TRP A 8 20.99 -16.19 -9.51
CA TRP A 8 22.31 -16.16 -8.90
C TRP A 8 22.92 -14.75 -8.92
N ASN A 9 22.73 -14.02 -10.02
CA ASN A 9 23.24 -12.66 -10.13
C ASN A 9 22.59 -11.72 -9.12
N GLU A 10 21.26 -11.80 -9.02
CA GLU A 10 20.50 -10.97 -8.07
C GLU A 10 20.86 -11.33 -6.63
N ALA A 11 20.99 -12.63 -6.37
CA ALA A 11 21.35 -13.12 -5.03
C ALA A 11 22.73 -12.59 -4.60
N LYS A 12 23.70 -12.67 -5.51
CA LYS A 12 25.03 -12.12 -5.26
C LYS A 12 24.98 -10.64 -4.89
N ALA A 13 24.23 -9.86 -5.67
CA ALA A 13 24.14 -8.43 -5.44
C ALA A 13 23.43 -8.10 -4.13
N PHE A 14 22.35 -8.83 -3.84
CA PHE A 14 21.58 -8.61 -2.61
C PHE A 14 22.35 -8.96 -1.35
N ILE A 15 22.89 -10.17 -1.29
CA ILE A 15 23.59 -10.65 -0.09
C ILE A 15 24.77 -9.74 0.29
N ALA A 16 25.58 -9.38 -0.70
CA ALA A 16 26.68 -8.46 -0.49
C ALA A 16 26.21 -7.15 0.15
N ALA A 17 25.18 -6.55 -0.45
CA ALA A 17 24.65 -5.29 0.05
C ALA A 17 23.97 -5.42 1.42
N CYS A 18 23.15 -6.45 1.57
CA CYS A 18 22.46 -6.72 2.84
C CYS A 18 23.46 -6.95 3.99
N TYR A 19 24.45 -7.81 3.77
CA TYR A 19 25.41 -8.15 4.79
C TYR A 19 26.36 -6.98 5.13
N GLN A 20 26.58 -6.10 4.15
CA GLN A 20 27.31 -4.85 4.38
C GLN A 20 26.59 -4.00 5.42
N GLU A 21 25.32 -3.70 5.12
CA GLU A 21 24.50 -2.84 5.97
C GLU A 21 24.33 -3.41 7.37
N LEU A 22 24.32 -4.73 7.48
CA LEU A 22 24.15 -5.40 8.76
C LEU A 22 25.50 -5.66 9.44
N GLY A 23 26.57 -5.13 8.86
CA GLY A 23 27.90 -5.33 9.41
C GLY A 23 28.30 -6.80 9.48
N LYS A 24 27.83 -7.59 8.50
CA LYS A 24 28.14 -9.02 8.45
C LYS A 24 28.94 -9.36 7.18
N ALA A 25 29.77 -8.41 6.74
CA ALA A 25 30.48 -8.54 5.47
C ALA A 25 31.40 -9.77 5.36
N ALA A 26 31.93 -10.24 6.48
CA ALA A 26 32.85 -11.36 6.49
C ALA A 26 32.17 -12.71 6.21
N GLU A 27 30.84 -12.74 6.36
CA GLU A 27 30.06 -13.96 6.17
C GLU A 27 29.47 -14.07 4.77
N VAL A 28 29.71 -13.06 3.93
CA VAL A 28 29.19 -13.07 2.56
C VAL A 28 29.71 -14.27 1.77
N LYS A 29 31.02 -14.51 1.85
CA LYS A 29 31.66 -15.56 1.06
C LYS A 29 31.03 -16.96 1.25
N ASP A 30 30.90 -17.39 2.49
CA ASP A 30 30.36 -18.71 2.80
C ASP A 30 28.87 -18.83 2.45
N ARG A 31 28.11 -17.80 2.78
CA ARG A 31 26.67 -17.78 2.49
C ARG A 31 26.39 -17.84 0.99
N LEU A 32 27.27 -17.23 0.18
CA LEU A 32 27.11 -17.26 -1.27
C LEU A 32 27.32 -18.67 -1.84
N ALA A 33 28.29 -19.39 -1.28
CA ALA A 33 28.54 -20.77 -1.67
C ALA A 33 27.32 -21.62 -1.36
N ASP A 34 26.84 -21.52 -0.12
CA ASP A 34 25.62 -22.20 0.32
C ASP A 34 24.46 -21.99 -0.65
N ILE A 35 24.22 -20.73 -0.99
CA ILE A 35 23.19 -20.35 -1.96
C ILE A 35 23.47 -20.96 -3.33
N LYS A 36 24.73 -20.89 -3.76
CA LYS A 36 25.14 -21.42 -5.07
C LYS A 36 24.90 -22.91 -5.18
N SER A 37 25.21 -23.64 -4.11
CA SER A 37 24.96 -25.08 -4.06
C SER A 37 23.45 -25.32 -4.08
N GLU A 38 22.73 -24.52 -3.29
CA GLU A 38 21.29 -24.69 -3.15
C GLU A 38 20.53 -24.42 -4.45
N ILE A 39 20.99 -23.44 -5.22
CA ILE A 39 20.38 -23.17 -6.52
C ILE A 39 20.67 -24.31 -7.51
N ASP A 40 21.92 -24.78 -7.53
CA ASP A 40 22.30 -25.93 -8.33
C ASP A 40 21.41 -27.16 -8.06
N LEU A 41 21.20 -27.45 -6.77
CA LEU A 41 20.46 -28.65 -6.37
C LEU A 41 18.94 -28.52 -6.55
N THR A 42 18.40 -27.36 -6.18
CA THR A 42 16.94 -27.18 -6.05
C THR A 42 16.32 -26.23 -7.06
N GLY A 43 17.14 -25.37 -7.68
CA GLY A 43 16.62 -24.38 -8.60
C GLY A 43 16.17 -23.11 -7.90
N SER A 44 16.50 -22.99 -6.62
CA SER A 44 16.18 -21.81 -5.83
C SER A 44 16.91 -21.77 -4.51
N TYR A 45 16.71 -20.71 -3.72
CA TYR A 45 17.29 -20.61 -2.39
C TYR A 45 16.34 -19.98 -1.38
N VAL A 46 16.62 -20.19 -0.10
CA VAL A 46 15.74 -19.78 0.98
C VAL A 46 16.39 -18.69 1.85
N HIS A 47 15.71 -17.56 2.00
CA HIS A 47 16.24 -16.47 2.81
C HIS A 47 16.24 -16.81 4.30
N THR A 48 17.30 -16.42 5.00
CA THR A 48 17.30 -16.42 6.45
C THR A 48 16.28 -15.38 6.87
N LYS A 49 15.83 -15.42 8.12
CA LYS A 49 14.85 -14.43 8.58
C LYS A 49 15.46 -13.02 8.60
N GLU A 50 16.75 -12.95 8.90
CA GLU A 50 17.48 -11.68 8.89
C GLU A 50 17.50 -11.07 7.49
N GLU A 51 17.80 -11.90 6.49
CA GLU A 51 17.83 -11.46 5.09
C GLU A 51 16.45 -10.98 4.63
N LEU A 52 15.41 -11.72 5.01
CA LEU A 52 14.05 -11.41 4.59
C LEU A 52 13.59 -10.09 5.18
N GLU A 53 13.80 -9.92 6.48
CA GLU A 53 13.40 -8.69 7.17
C GLU A 53 14.07 -7.47 6.55
N HIS A 54 15.39 -7.54 6.40
CA HIS A 54 16.13 -6.41 5.84
C HIS A 54 15.79 -6.17 4.36
N GLY A 55 15.56 -7.24 3.62
CA GLY A 55 15.14 -7.13 2.23
C GLY A 55 13.86 -6.34 2.07
N ALA A 56 12.87 -6.65 2.91
CA ALA A 56 11.59 -5.95 2.87
C ALA A 56 11.79 -4.47 3.23
N LYS A 57 12.75 -4.21 4.13
CA LYS A 57 13.04 -2.84 4.52
C LYS A 57 13.74 -2.08 3.38
N MET A 58 14.76 -2.70 2.79
CA MET A 58 15.45 -2.13 1.64
C MET A 58 14.45 -1.83 0.52
N ALA A 59 13.53 -2.75 0.30
CA ALA A 59 12.52 -2.58 -0.74
C ALA A 59 11.67 -1.33 -0.54
N TRP A 60 11.28 -1.04 0.70
CA TRP A 60 10.51 0.16 1.01
C TRP A 60 11.40 1.39 0.73
N ARG A 61 12.66 1.30 1.15
CA ARG A 61 13.63 2.39 0.99
C ARG A 61 13.85 2.74 -0.48
N ASN A 62 13.65 1.77 -1.36
CA ASN A 62 13.88 1.94 -2.79
C ASN A 62 12.61 2.32 -3.56
N SER A 63 11.49 2.42 -2.85
CA SER A 63 10.21 2.74 -3.50
C SER A 63 10.14 4.20 -3.92
N ASN A 64 10.58 4.47 -5.15
CA ASN A 64 10.65 5.83 -5.70
C ASN A 64 9.41 6.71 -5.53
N ARG A 65 8.23 6.09 -5.50
CA ARG A 65 6.99 6.85 -5.48
C ARG A 65 6.48 7.13 -4.07
N CYS A 66 7.23 6.67 -3.07
CA CYS A 66 6.77 6.80 -1.69
C CYS A 66 7.43 7.95 -0.93
N ILE A 67 6.59 8.85 -0.41
CA ILE A 67 7.03 10.02 0.33
C ILE A 67 7.34 9.70 1.80
N GLY A 68 6.87 8.54 2.26
CA GLY A 68 6.98 8.20 3.67
C GLY A 68 8.16 7.31 4.04
N ARG A 69 9.20 7.33 3.21
CA ARG A 69 10.31 6.38 3.35
C ARG A 69 11.26 6.64 4.53
N LEU A 70 11.09 7.77 5.23
CA LEU A 70 11.95 8.09 6.37
C LEU A 70 12.02 6.94 7.37
N PHE A 71 10.90 6.24 7.53
CA PHE A 71 10.78 5.23 8.56
C PHE A 71 10.96 3.80 8.04
N TRP A 72 11.67 3.68 6.91
CA TRP A 72 11.94 2.38 6.28
C TRP A 72 12.48 1.33 7.25
N ASN A 73 13.36 1.74 8.16
CA ASN A 73 14.06 0.80 9.02
C ASN A 73 13.25 0.29 10.21
N SER A 74 12.08 0.88 10.44
CA SER A 74 11.24 0.47 11.57
C SER A 74 10.05 -0.39 11.12
N LEU A 75 10.04 -0.77 9.84
CA LEU A 75 9.00 -1.65 9.31
C LEU A 75 8.90 -2.95 10.12
N ASN A 76 7.68 -3.34 10.44
CA ASN A 76 7.41 -4.59 11.16
C ASN A 76 7.18 -5.74 10.19
N VAL A 77 8.13 -6.66 10.12
CA VAL A 77 8.08 -7.75 9.13
C VAL A 77 7.57 -9.06 9.73
N ILE A 78 6.46 -9.58 9.20
CA ILE A 78 5.91 -10.85 9.69
C ILE A 78 6.20 -11.96 8.69
N ASP A 79 6.94 -12.98 9.14
CA ASP A 79 7.36 -14.08 8.28
C ASP A 79 6.32 -15.20 8.27
N ARG A 80 5.55 -15.29 7.19
CA ARG A 80 4.56 -16.35 7.07
C ARG A 80 4.81 -17.29 5.88
N ARG A 81 6.07 -17.61 5.62
CA ARG A 81 6.43 -18.54 4.55
C ARG A 81 5.99 -19.97 4.90
N ASP A 82 5.52 -20.14 6.13
CA ASP A 82 5.11 -21.44 6.65
C ASP A 82 3.67 -21.85 6.35
N VAL A 83 2.87 -20.93 5.79
CA VAL A 83 1.46 -21.23 5.52
C VAL A 83 1.26 -22.20 4.35
N ARG A 84 0.26 -23.07 4.48
CA ARG A 84 -0.03 -24.07 3.45
C ARG A 84 -1.52 -24.16 3.15
N THR A 85 -2.36 -23.67 4.06
CA THR A 85 -3.81 -23.78 3.92
C THR A 85 -4.50 -22.41 3.79
N LYS A 86 -5.67 -22.39 3.16
CA LYS A 86 -6.40 -21.14 2.98
C LYS A 86 -6.89 -20.58 4.32
N GLU A 87 -7.16 -21.47 5.27
CA GLU A 87 -7.50 -21.04 6.63
C GLU A 87 -6.32 -20.28 7.26
N GLU A 88 -5.11 -20.78 7.03
CA GLU A 88 -3.90 -20.12 7.54
C GLU A 88 -3.65 -18.76 6.88
N VAL A 89 -3.91 -18.68 5.57
CA VAL A 89 -3.76 -17.40 4.86
C VAL A 89 -4.79 -16.39 5.36
N ARG A 90 -6.04 -16.83 5.51
CA ARG A 90 -7.11 -15.96 5.98
C ARG A 90 -6.78 -15.40 7.37
N ASP A 91 -6.36 -16.29 8.27
CA ASP A 91 -6.03 -15.89 9.62
C ASP A 91 -4.79 -14.99 9.66
N ALA A 92 -3.82 -15.24 8.78
CA ALA A 92 -2.65 -14.38 8.66
C ALA A 92 -3.06 -12.97 8.20
N LEU A 93 -4.01 -12.92 7.27
CA LEU A 93 -4.52 -11.65 6.76
C LEU A 93 -5.32 -10.91 7.83
N PHE A 94 -6.17 -11.63 8.56
CA PHE A 94 -6.90 -11.07 9.68
C PHE A 94 -5.93 -10.51 10.72
N HIS A 95 -4.92 -11.29 11.05
CA HIS A 95 -3.93 -10.88 12.03
C HIS A 95 -3.18 -9.61 11.59
N HIS A 96 -2.81 -9.54 10.31
CA HIS A 96 -2.13 -8.36 9.79
C HIS A 96 -2.99 -7.12 10.04
N ILE A 97 -4.28 -7.20 9.74
CA ILE A 97 -5.17 -6.06 9.92
C ILE A 97 -5.21 -5.63 11.38
N GLU A 98 -5.32 -6.59 12.28
CA GLU A 98 -5.40 -6.31 13.71
C GLU A 98 -4.13 -5.64 14.24
N THR A 99 -2.97 -6.26 14.01
CA THR A 99 -1.72 -5.75 14.59
C THR A 99 -1.25 -4.46 13.93
N ALA A 100 -1.50 -4.31 12.64
CA ALA A 100 -1.13 -3.08 11.95
C ALA A 100 -2.02 -1.92 12.40
N THR A 101 -3.30 -2.21 12.64
CA THR A 101 -4.24 -1.19 13.07
C THR A 101 -3.89 -0.70 14.48
N ASN A 102 -3.64 -1.66 15.37
CA ASN A 102 -3.15 -1.37 16.71
C ASN A 102 -4.01 -0.33 17.44
N ASN A 103 -5.32 -0.49 17.37
CA ASN A 103 -6.26 0.45 18.01
C ASN A 103 -6.15 1.89 17.52
N GLY A 104 -5.66 2.08 16.29
CA GLY A 104 -5.53 3.41 15.73
C GLY A 104 -4.09 3.90 15.64
N LYS A 105 -3.22 3.43 16.54
CA LYS A 105 -1.81 3.79 16.47
C LYS A 105 -1.11 2.88 15.46
N ILE A 106 -1.33 3.16 14.18
CA ILE A 106 -0.94 2.28 13.08
C ILE A 106 0.54 1.91 13.06
N ARG A 107 0.82 0.62 12.93
CA ARG A 107 2.17 0.10 12.81
C ARG A 107 2.42 -0.30 11.36
N PRO A 108 3.38 0.36 10.70
CA PRO A 108 3.79 -0.07 9.35
C PRO A 108 4.24 -1.53 9.41
N THR A 109 3.54 -2.39 8.67
CA THR A 109 3.74 -3.84 8.78
C THR A 109 3.67 -4.50 7.39
N ILE A 110 4.40 -5.60 7.22
CA ILE A 110 4.28 -6.43 6.03
C ILE A 110 4.22 -7.90 6.44
N THR A 111 3.28 -8.64 5.86
CA THR A 111 3.22 -10.09 6.09
C THR A 111 3.70 -10.77 4.82
N ILE A 112 4.70 -11.63 4.95
CA ILE A 112 5.33 -12.25 3.78
C ILE A 112 4.97 -13.71 3.60
N PHE A 113 4.32 -14.02 2.48
CA PHE A 113 3.84 -15.37 2.20
C PHE A 113 4.87 -16.14 1.35
N PRO A 114 4.72 -17.48 1.20
CA PRO A 114 5.69 -18.21 0.39
C PRO A 114 5.81 -17.61 -1.01
N PRO A 115 7.04 -17.60 -1.56
CA PRO A 115 7.31 -16.99 -2.87
C PRO A 115 6.96 -17.90 -4.03
N GLU A 116 6.97 -17.37 -5.24
CA GLU A 116 6.76 -18.18 -6.44
C GLU A 116 7.85 -19.25 -6.55
N GLU A 117 7.49 -20.41 -7.06
CA GLU A 117 8.48 -21.46 -7.30
C GLU A 117 9.03 -21.34 -8.72
N LYS A 118 8.38 -22.01 -9.65
CA LYS A 118 8.74 -21.92 -11.07
C LYS A 118 8.01 -20.76 -11.73
N GLY A 119 7.91 -19.64 -11.01
CA GLY A 119 7.02 -18.57 -11.42
C GLY A 119 5.60 -18.98 -11.07
N GLU A 120 5.49 -20.12 -10.37
CA GLU A 120 4.20 -20.63 -9.92
C GLU A 120 3.86 -20.07 -8.56
N LYS A 121 2.72 -19.36 -8.49
CA LYS A 121 2.28 -18.77 -7.24
C LYS A 121 1.78 -19.82 -6.25
N GLN A 122 2.15 -19.65 -4.98
CA GLN A 122 1.67 -20.53 -3.93
C GLN A 122 0.37 -19.96 -3.40
N VAL A 123 0.34 -18.63 -3.28
CA VAL A 123 -0.83 -17.89 -2.85
C VAL A 123 -1.01 -16.70 -3.79
N GLU A 124 -2.24 -16.50 -4.27
CA GLU A 124 -2.54 -15.44 -5.22
C GLU A 124 -3.65 -14.54 -4.68
N ILE A 125 -3.28 -13.38 -4.15
CA ILE A 125 -4.24 -12.45 -3.56
C ILE A 125 -4.92 -11.58 -4.63
N TRP A 126 -6.26 -11.54 -4.62
CA TRP A 126 -7.02 -10.78 -5.62
C TRP A 126 -7.28 -9.33 -5.19
N ASN A 127 -7.29 -9.08 -3.89
CA ASN A 127 -7.57 -7.74 -3.39
C ASN A 127 -6.47 -6.76 -3.79
N HIS A 128 -6.87 -5.52 -4.08
CA HIS A 128 -5.90 -4.45 -4.30
C HIS A 128 -5.40 -3.96 -2.95
N GLN A 129 -6.34 -3.68 -2.05
CA GLN A 129 -6.02 -3.49 -0.63
C GLN A 129 -6.86 -4.48 0.18
N LEU A 130 -6.35 -4.89 1.35
CA LEU A 130 -7.07 -5.83 2.21
C LEU A 130 -8.42 -5.23 2.66
N ILE A 131 -8.42 -3.93 2.93
CA ILE A 131 -9.64 -3.21 3.27
C ILE A 131 -9.95 -2.21 2.18
N ARG A 132 -11.06 -2.44 1.46
CA ARG A 132 -11.51 -1.51 0.43
C ARG A 132 -13.01 -1.60 0.20
N TYR A 133 -13.57 -0.53 -0.38
CA TYR A 133 -15.00 -0.47 -0.66
C TYR A 133 -15.36 -1.01 -2.04
N ALA A 134 -16.49 -1.70 -2.12
CA ALA A 134 -16.99 -2.24 -3.39
C ALA A 134 -17.51 -1.13 -4.29
N GLY A 135 -17.61 -1.43 -5.58
CA GLY A 135 -18.13 -0.47 -6.54
C GLY A 135 -19.08 -1.10 -7.51
N TYR A 136 -20.14 -0.39 -7.86
CA TYR A 136 -21.15 -0.94 -8.76
C TYR A 136 -21.49 0.05 -9.88
N GLU A 137 -21.75 -0.50 -11.06
CA GLU A 137 -22.15 0.31 -12.21
C GLU A 137 -23.11 -0.49 -13.07
N SER A 138 -24.37 -0.07 -13.09
CA SER A 138 -25.40 -0.74 -13.89
C SER A 138 -26.53 0.22 -14.18
N ASP A 139 -26.99 0.25 -15.43
CA ASP A 139 -28.14 1.08 -15.80
C ASP A 139 -27.98 2.52 -15.33
N GLY A 140 -26.84 3.14 -15.66
CA GLY A 140 -26.56 4.51 -15.26
C GLY A 140 -26.39 4.72 -13.76
N GLU A 141 -26.57 3.65 -12.98
CA GLU A 141 -26.49 3.74 -11.52
C GLU A 141 -25.06 3.49 -11.03
N ARG A 142 -24.47 4.51 -10.41
CA ARG A 142 -23.15 4.40 -9.81
C ARG A 142 -23.26 4.31 -8.29
N ILE A 143 -22.71 3.25 -7.69
CA ILE A 143 -22.67 3.11 -6.25
C ILE A 143 -21.27 2.71 -5.78
N GLY A 144 -20.79 3.32 -4.71
CA GLY A 144 -19.51 2.95 -4.13
C GLY A 144 -18.31 3.46 -4.89
N ASP A 145 -17.22 2.69 -4.87
CA ASP A 145 -15.95 3.09 -5.46
C ASP A 145 -15.77 2.51 -6.86
N PRO A 146 -15.81 3.37 -7.89
CA PRO A 146 -15.69 2.92 -9.28
C PRO A 146 -14.40 2.14 -9.55
N ALA A 147 -13.33 2.46 -8.82
CA ALA A 147 -12.06 1.76 -8.96
C ALA A 147 -12.18 0.29 -8.58
N SER A 148 -13.23 -0.04 -7.83
CA SER A 148 -13.46 -1.42 -7.38
C SER A 148 -14.49 -2.19 -8.22
N CYS A 149 -14.98 -1.59 -9.30
CA CYS A 149 -16.06 -2.21 -10.09
C CYS A 149 -15.73 -3.61 -10.63
N SER A 150 -14.51 -3.80 -11.13
CA SER A 150 -14.17 -5.08 -11.75
C SER A 150 -13.91 -6.18 -10.72
N LEU A 151 -13.28 -5.84 -9.60
CA LEU A 151 -13.09 -6.84 -8.53
C LEU A 151 -14.43 -7.20 -7.89
N THR A 152 -15.29 -6.20 -7.69
CA THR A 152 -16.62 -6.42 -7.13
C THR A 152 -17.43 -7.41 -7.97
N ALA A 153 -17.47 -7.18 -9.29
CA ALA A 153 -18.17 -8.07 -10.19
C ALA A 153 -17.59 -9.48 -10.15
N ALA A 154 -16.29 -9.58 -9.90
CA ALA A 154 -15.62 -10.88 -9.80
C ALA A 154 -16.07 -11.63 -8.54
N CYS A 155 -16.07 -10.92 -7.41
CA CYS A 155 -16.54 -11.51 -6.16
C CYS A 155 -17.98 -11.96 -6.28
N GLU A 156 -18.80 -11.14 -6.93
CA GLU A 156 -20.22 -11.47 -7.06
C GLU A 156 -20.46 -12.65 -7.98
N GLU A 157 -19.47 -12.96 -8.82
CA GLU A 157 -19.52 -14.20 -9.60
C GLU A 157 -19.44 -15.39 -8.66
N LEU A 158 -18.59 -15.25 -7.65
CA LEU A 158 -18.22 -16.35 -6.76
C LEU A 158 -19.18 -16.53 -5.57
N GLY A 159 -20.36 -15.90 -5.65
CA GLY A 159 -21.39 -16.12 -4.66
C GLY A 159 -21.53 -15.06 -3.59
N TRP A 160 -20.63 -14.08 -3.59
CA TRP A 160 -20.72 -12.96 -2.66
C TRP A 160 -21.77 -11.99 -3.19
N ARG A 161 -22.43 -11.27 -2.28
CA ARG A 161 -23.38 -10.24 -2.66
C ARG A 161 -23.21 -9.01 -1.79
N GLY A 162 -23.00 -7.86 -2.41
CA GLY A 162 -22.83 -6.63 -1.66
C GLY A 162 -24.17 -5.99 -1.32
N GLU A 163 -24.20 -5.20 -0.25
CA GLU A 163 -25.43 -4.54 0.17
C GLU A 163 -25.77 -3.35 -0.73
N ARG A 164 -24.79 -2.95 -1.54
CA ARG A 164 -24.95 -1.82 -2.46
C ARG A 164 -25.13 -0.50 -1.73
N THR A 165 -24.39 -0.40 -0.64
CA THR A 165 -24.19 0.83 0.10
C THR A 165 -22.98 1.47 -0.57
N ASP A 166 -22.70 2.75 -0.32
CA ASP A 166 -21.55 3.40 -0.95
C ASP A 166 -20.23 2.93 -0.35
N PHE A 167 -20.31 2.17 0.75
CA PHE A 167 -19.14 1.74 1.50
C PHE A 167 -19.24 0.27 1.92
N ASP A 168 -19.60 -0.61 0.98
CA ASP A 168 -19.58 -2.05 1.22
C ASP A 168 -18.14 -2.50 1.39
N LEU A 169 -17.82 -3.22 2.46
CA LEU A 169 -16.48 -3.78 2.60
C LEU A 169 -16.39 -5.01 1.71
N LEU A 170 -15.41 -5.02 0.81
CA LEU A 170 -15.17 -6.19 -0.04
C LEU A 170 -14.65 -7.31 0.85
N PRO A 171 -14.95 -8.57 0.46
CA PRO A 171 -14.39 -9.70 1.22
C PRO A 171 -12.92 -9.88 0.86
N LEU A 172 -12.16 -10.58 1.71
CA LEU A 172 -10.83 -11.00 1.33
C LEU A 172 -11.03 -12.04 0.23
N ILE A 173 -10.20 -12.00 -0.81
CA ILE A 173 -10.34 -12.98 -1.86
C ILE A 173 -8.97 -13.36 -2.42
N PHE A 174 -8.66 -14.65 -2.36
CA PHE A 174 -7.36 -15.15 -2.79
C PHE A 174 -7.48 -16.58 -3.28
N ARG A 175 -6.54 -17.00 -4.12
CA ARG A 175 -6.55 -18.37 -4.63
C ARG A 175 -5.27 -19.10 -4.22
N MET A 176 -5.42 -20.38 -3.89
CA MET A 176 -4.28 -21.22 -3.51
C MET A 176 -3.78 -22.01 -4.72
N LYS A 177 -2.48 -22.30 -4.74
CA LYS A 177 -1.90 -23.19 -5.74
C LYS A 177 -2.67 -24.49 -5.78
N GLY A 178 -3.12 -24.89 -6.97
CA GLY A 178 -3.83 -26.15 -7.11
C GLY A 178 -5.33 -25.98 -7.24
N ASP A 179 -5.86 -24.91 -6.65
CA ASP A 179 -7.28 -24.61 -6.75
C ASP A 179 -7.57 -23.84 -8.04
N GLU A 180 -8.75 -24.05 -8.59
CA GLU A 180 -9.16 -23.39 -9.82
C GLU A 180 -9.83 -22.04 -9.51
N GLN A 181 -10.56 -21.98 -8.41
CA GLN A 181 -11.24 -20.76 -8.00
C GLN A 181 -10.65 -20.17 -6.72
N PRO A 182 -10.65 -18.84 -6.60
CA PRO A 182 -10.25 -18.28 -5.32
C PRO A 182 -11.36 -18.54 -4.29
N VAL A 183 -11.05 -18.39 -3.01
CA VAL A 183 -12.08 -18.41 -1.98
C VAL A 183 -12.26 -16.99 -1.49
N TRP A 184 -13.40 -16.69 -0.86
CA TRP A 184 -13.60 -15.37 -0.27
C TRP A 184 -14.10 -15.47 1.16
N TYR A 185 -13.66 -14.55 2.00
CA TYR A 185 -14.13 -14.47 3.38
C TYR A 185 -14.54 -13.04 3.71
N GLU A 186 -15.73 -12.89 4.29
CA GLU A 186 -16.23 -11.61 4.74
C GLU A 186 -15.35 -11.07 5.87
N LEU A 187 -15.05 -9.77 5.84
CA LEU A 187 -14.26 -9.15 6.91
C LEU A 187 -15.07 -8.97 8.19
N PRO A 188 -14.51 -9.42 9.32
CA PRO A 188 -15.12 -9.13 10.63
C PRO A 188 -15.08 -7.62 10.88
N ARG A 189 -16.25 -6.99 11.07
CA ARG A 189 -16.32 -5.54 11.24
C ARG A 189 -15.54 -5.07 12.46
N SER A 190 -15.34 -5.96 13.44
CA SER A 190 -14.58 -5.65 14.64
C SER A 190 -13.10 -5.41 14.35
N LEU A 191 -12.66 -5.84 13.17
CA LEU A 191 -11.27 -5.69 12.76
C LEU A 191 -11.03 -4.39 12.00
N VAL A 192 -12.10 -3.80 11.48
CA VAL A 192 -11.97 -2.67 10.57
C VAL A 192 -12.37 -1.35 11.23
N ILE A 193 -11.38 -0.48 11.47
CA ILE A 193 -11.64 0.86 11.97
C ILE A 193 -12.06 1.78 10.83
N GLU A 194 -13.16 2.51 11.01
CA GLU A 194 -13.55 3.50 10.02
C GLU A 194 -13.64 4.88 10.68
N VAL A 195 -13.49 5.93 9.88
CA VAL A 195 -13.52 7.29 10.39
C VAL A 195 -14.59 8.09 9.66
N PRO A 196 -15.61 8.57 10.39
CA PRO A 196 -16.60 9.49 9.81
C PRO A 196 -15.94 10.84 9.56
N ILE A 197 -16.21 11.46 8.42
CA ILE A 197 -15.57 12.74 8.12
C ILE A 197 -16.43 13.88 8.64
N THR A 198 -15.89 14.64 9.58
CA THR A 198 -16.51 15.88 10.03
C THR A 198 -15.54 17.03 9.83
N HIS A 199 -16.04 18.26 9.91
CA HIS A 199 -15.21 19.45 9.75
C HIS A 199 -15.16 20.19 11.09
N PRO A 200 -13.98 20.76 11.43
CA PRO A 200 -13.79 21.42 12.73
C PRO A 200 -14.67 22.65 12.94
N ASP A 201 -15.06 23.32 11.86
CA ASP A 201 -15.78 24.60 11.95
C ASP A 201 -17.18 24.53 11.34
N ILE A 202 -17.32 23.68 10.33
CA ILE A 202 -18.55 23.63 9.53
C ILE A 202 -19.40 22.43 9.92
N GLU A 203 -20.43 22.68 10.72
CA GLU A 203 -21.28 21.62 11.29
C GLU A 203 -22.00 20.80 10.22
N ALA A 204 -22.35 21.47 9.12
CA ALA A 204 -23.12 20.84 8.06
C ALA A 204 -22.33 19.76 7.30
N PHE A 205 -21.02 19.71 7.50
CA PHE A 205 -20.17 18.78 6.75
C PHE A 205 -20.61 17.33 6.97
N SER A 206 -21.09 17.02 8.17
CA SER A 206 -21.55 15.66 8.48
C SER A 206 -22.74 15.22 7.62
N ASP A 207 -23.44 16.18 7.02
CA ASP A 207 -24.59 15.88 6.16
C ASP A 207 -24.17 15.08 4.92
N LEU A 208 -22.88 15.15 4.57
CA LEU A 208 -22.36 14.42 3.41
C LEU A 208 -22.27 12.92 3.69
N GLU A 209 -22.25 12.57 4.98
CA GLU A 209 -22.15 11.18 5.40
C GLU A 209 -20.96 10.48 4.75
N LEU A 210 -19.83 11.19 4.74
CA LEU A 210 -18.60 10.61 4.23
C LEU A 210 -17.87 9.83 5.31
N LYS A 211 -17.16 8.79 4.90
CA LYS A 211 -16.22 8.11 5.78
C LYS A 211 -15.14 7.42 4.96
N TRP A 212 -14.07 7.00 5.64
CA TRP A 212 -13.03 6.20 5.00
C TRP A 212 -12.47 5.22 6.04
N TYR A 213 -11.76 4.20 5.56
CA TYR A 213 -11.18 3.20 6.46
C TYR A 213 -9.84 3.70 6.99
N GLY A 214 -9.41 3.16 8.13
CA GLY A 214 -8.21 3.65 8.78
C GLY A 214 -6.90 3.30 8.10
N VAL A 215 -6.79 2.06 7.62
CA VAL A 215 -5.49 1.54 7.23
C VAL A 215 -5.39 1.06 5.78
N PRO A 216 -4.55 1.72 4.97
CA PRO A 216 -4.28 1.32 3.59
C PRO A 216 -3.31 0.15 3.54
N ILE A 217 -3.79 -1.03 3.12
CA ILE A 217 -2.94 -2.23 3.09
C ILE A 217 -2.81 -2.78 1.69
N ILE A 218 -1.77 -2.35 0.97
CA ILE A 218 -1.57 -2.77 -0.42
C ILE A 218 -1.30 -4.26 -0.48
N SER A 219 -2.10 -4.99 -1.24
CA SER A 219 -2.01 -6.44 -1.22
C SER A 219 -1.87 -7.08 -2.60
N ASP A 220 -1.53 -6.27 -3.60
CA ASP A 220 -1.44 -6.80 -4.95
C ASP A 220 -0.08 -6.54 -5.63
N MET A 221 0.89 -6.08 -4.86
CA MET A 221 2.22 -5.86 -5.45
C MET A 221 3.16 -7.01 -5.11
N LYS A 222 4.20 -7.14 -5.94
CA LYS A 222 5.21 -8.18 -5.75
C LYS A 222 6.45 -7.61 -5.04
N LEU A 223 6.88 -8.27 -3.98
CA LEU A 223 8.13 -7.93 -3.31
C LEU A 223 9.24 -8.77 -3.89
N GLU A 224 10.26 -8.12 -4.43
CA GLU A 224 11.39 -8.85 -5.00
C GLU A 224 12.64 -8.64 -4.14
N VAL A 225 13.22 -9.75 -3.66
CA VAL A 225 14.40 -9.70 -2.81
C VAL A 225 15.40 -10.75 -3.27
N GLY A 226 16.54 -10.32 -3.78
CA GLY A 226 17.60 -11.23 -4.19
C GLY A 226 17.20 -12.28 -5.21
N GLY A 227 16.33 -11.89 -6.14
CA GLY A 227 15.89 -12.79 -7.19
C GLY A 227 14.70 -13.65 -6.81
N ILE A 228 14.24 -13.51 -5.58
CA ILE A 228 13.07 -14.26 -5.11
C ILE A 228 11.81 -13.40 -5.28
N HIS A 229 10.78 -13.97 -5.90
CA HIS A 229 9.55 -13.23 -6.17
C HIS A 229 8.47 -13.53 -5.12
N TYR A 230 8.34 -12.64 -4.15
CA TYR A 230 7.25 -12.72 -3.18
C TYR A 230 6.01 -12.00 -3.71
N ASN A 231 5.23 -12.69 -4.53
CA ASN A 231 4.07 -12.10 -5.18
C ASN A 231 2.95 -11.75 -4.20
N ALA A 232 2.91 -12.49 -3.10
CA ALA A 232 1.92 -12.23 -2.05
C ALA A 232 2.63 -11.76 -0.78
N ALA A 233 2.57 -10.46 -0.53
CA ALA A 233 3.25 -9.85 0.60
C ALA A 233 2.65 -8.49 0.94
N PRO A 234 1.44 -8.49 1.51
CA PRO A 234 0.74 -7.22 1.75
C PRO A 234 1.44 -6.35 2.76
N PHE A 235 1.44 -5.03 2.53
CA PHE A 235 2.11 -4.08 3.42
C PHE A 235 1.24 -2.83 3.65
N ASN A 236 1.43 -2.17 4.79
CA ASN A 236 0.67 -0.97 5.13
C ASN A 236 1.53 0.10 5.79
N GLY A 237 1.09 1.34 5.66
CA GLY A 237 1.60 2.43 6.48
C GLY A 237 0.37 3.09 7.06
N TRP A 238 0.47 4.38 7.39
CA TRP A 238 -0.71 5.19 7.66
C TRP A 238 -0.94 6.10 6.46
N TYR A 239 -2.13 6.69 6.39
CA TYR A 239 -2.47 7.53 5.24
C TYR A 239 -1.80 8.90 5.30
N MET A 240 -1.47 9.47 4.14
CA MET A 240 -1.26 10.90 4.02
C MET A 240 -2.64 11.45 3.66
N GLY A 241 -3.07 12.52 4.33
CA GLY A 241 -4.43 13.01 4.19
C GLY A 241 -4.91 13.23 2.76
N THR A 242 -4.05 13.77 1.91
CA THR A 242 -4.40 14.07 0.52
C THR A 242 -4.83 12.84 -0.29
N GLU A 243 -4.34 11.66 0.11
CA GLU A 243 -4.70 10.45 -0.61
C GLU A 243 -6.20 10.22 -0.52
N ILE A 244 -6.77 10.62 0.62
CA ILE A 244 -8.19 10.46 0.86
C ILE A 244 -8.98 11.69 0.39
N GLY A 245 -8.56 12.88 0.81
CA GLY A 245 -9.32 14.09 0.54
C GLY A 245 -9.15 14.69 -0.84
N ALA A 246 -8.00 14.44 -1.48
CA ALA A 246 -7.72 15.05 -2.77
C ALA A 246 -7.89 14.07 -3.92
N ARG A 247 -7.94 12.78 -3.59
CA ARG A 247 -8.02 11.75 -4.61
C ARG A 247 -9.22 10.81 -4.44
N ASN A 248 -9.21 9.98 -3.39
CA ASN A 248 -10.26 9.00 -3.16
C ASN A 248 -11.67 9.59 -3.13
N LEU A 249 -11.82 10.71 -2.43
CA LEU A 249 -13.13 11.35 -2.31
C LEU A 249 -13.36 12.46 -3.34
N ALA A 250 -12.30 12.90 -4.01
CA ALA A 250 -12.37 14.07 -4.90
C ALA A 250 -12.39 13.77 -6.41
N ASP A 251 -11.63 12.76 -6.84
CA ASP A 251 -11.56 12.41 -8.26
C ASP A 251 -12.95 12.18 -8.86
N GLU A 252 -13.17 12.70 -10.08
CA GLU A 252 -14.43 12.46 -10.78
C GLU A 252 -14.66 10.98 -11.02
N LYS A 253 -13.57 10.22 -11.15
CA LYS A 253 -13.63 8.78 -11.39
C LYS A 253 -13.60 7.98 -10.08
N ARG A 254 -13.64 8.68 -8.96
CA ARG A 254 -13.79 8.01 -7.67
C ARG A 254 -15.10 8.48 -7.05
N TYR A 255 -15.07 8.99 -5.82
CA TYR A 255 -16.31 9.36 -5.15
C TYR A 255 -16.89 10.72 -5.60
N ASP A 256 -16.07 11.54 -6.24
CA ASP A 256 -16.53 12.74 -6.95
C ASP A 256 -17.37 13.68 -6.08
N LYS A 257 -16.84 14.05 -4.92
CA LYS A 257 -17.63 14.78 -3.92
C LYS A 257 -17.50 16.30 -3.90
N LEU A 258 -16.72 16.88 -4.81
CA LEU A 258 -16.41 18.31 -4.71
C LEU A 258 -17.63 19.26 -4.80
N LYS A 259 -18.56 18.98 -5.72
CA LYS A 259 -19.75 19.81 -5.83
C LYS A 259 -20.56 19.80 -4.53
N LYS A 260 -20.70 18.62 -3.94
CA LYS A 260 -21.39 18.47 -2.66
C LYS A 260 -20.63 19.15 -1.52
N VAL A 261 -19.31 19.09 -1.53
CA VAL A 261 -18.52 19.81 -0.54
C VAL A 261 -18.77 21.32 -0.66
N ALA A 262 -18.74 21.82 -1.88
CA ALA A 262 -18.96 23.24 -2.12
C ALA A 262 -20.30 23.71 -1.55
N SER A 263 -21.34 22.92 -1.78
CA SER A 263 -22.67 23.28 -1.30
C SER A 263 -22.73 23.36 0.24
N VAL A 264 -22.21 22.34 0.92
CA VAL A 264 -22.27 22.31 2.39
C VAL A 264 -21.34 23.33 3.05
N ILE A 265 -20.28 23.75 2.35
CA ILE A 265 -19.43 24.82 2.89
C ILE A 265 -19.93 26.20 2.45
N GLY A 266 -21.06 26.19 1.73
CA GLY A 266 -21.77 27.41 1.39
C GLY A 266 -21.16 28.30 0.33
N ILE A 267 -20.46 27.70 -0.65
CA ILE A 267 -19.94 28.47 -1.78
C ILE A 267 -20.55 28.01 -3.10
N ALA A 268 -20.64 28.93 -4.07
CA ALA A 268 -21.15 28.61 -5.40
C ALA A 268 -20.15 27.74 -6.19
N ALA A 269 -20.69 26.82 -7.00
CA ALA A 269 -19.86 25.97 -7.85
C ALA A 269 -20.19 26.26 -9.32
N ASP A 270 -20.17 27.53 -9.69
CA ASP A 270 -20.61 27.98 -11.00
C ASP A 270 -19.49 28.52 -11.89
N TYR A 271 -18.49 29.17 -11.29
CA TYR A 271 -17.45 29.85 -12.07
C TYR A 271 -16.05 29.31 -11.78
N ASN A 272 -15.31 28.98 -12.84
CA ASN A 272 -13.95 28.49 -12.68
C ASN A 272 -13.08 29.51 -11.93
N THR A 273 -13.31 30.78 -12.20
CA THR A 273 -12.51 31.86 -11.62
C THR A 273 -12.74 32.10 -10.12
N ASP A 274 -13.78 31.49 -9.56
CA ASP A 274 -14.02 31.56 -8.13
C ASP A 274 -13.15 30.54 -7.40
N LEU A 275 -12.50 29.68 -8.18
CA LEU A 275 -11.66 28.62 -7.64
C LEU A 275 -12.39 27.76 -6.61
N TRP A 276 -13.65 27.43 -6.90
CA TRP A 276 -14.46 26.70 -5.94
C TRP A 276 -13.97 25.27 -5.71
N LYS A 277 -13.41 24.64 -6.74
CA LYS A 277 -12.88 23.29 -6.59
C LYS A 277 -11.68 23.31 -5.64
N ASP A 278 -10.86 24.35 -5.78
CA ASP A 278 -9.64 24.48 -4.98
C ASP A 278 -10.02 24.69 -3.51
N GLN A 279 -11.01 25.54 -3.28
CA GLN A 279 -11.47 25.86 -1.93
C GLN A 279 -12.12 24.62 -1.29
N ALA A 280 -12.92 23.90 -2.08
CA ALA A 280 -13.58 22.69 -1.58
C ALA A 280 -12.55 21.62 -1.21
N LEU A 281 -11.56 21.45 -2.08
CA LEU A 281 -10.45 20.52 -1.83
C LEU A 281 -9.74 20.81 -0.50
N VAL A 282 -9.45 22.08 -0.24
CA VAL A 282 -8.76 22.45 0.99
C VAL A 282 -9.62 22.09 2.21
N GLU A 283 -10.89 22.48 2.18
CA GLU A 283 -11.78 22.19 3.32
C GLU A 283 -11.99 20.71 3.53
N LEU A 284 -12.17 19.96 2.44
CA LEU A 284 -12.34 18.51 2.53
C LEU A 284 -11.09 17.89 3.13
N ASN A 285 -9.93 18.38 2.72
CA ASN A 285 -8.67 17.87 3.26
C ASN A 285 -8.44 18.23 4.73
N LYS A 286 -8.89 19.42 5.13
CA LYS A 286 -8.82 19.81 6.54
C LYS A 286 -9.73 18.88 7.34
N ALA A 287 -10.88 18.54 6.75
CA ALA A 287 -11.85 17.66 7.40
C ALA A 287 -11.28 16.27 7.64
N VAL A 288 -10.65 15.70 6.60
CA VAL A 288 -10.05 14.38 6.72
C VAL A 288 -9.01 14.31 7.85
N LEU A 289 -8.10 15.29 7.90
CA LEU A 289 -7.06 15.33 8.94
C LEU A 289 -7.66 15.46 10.33
N HIS A 290 -8.60 16.40 10.45
CA HIS A 290 -9.30 16.62 11.72
C HIS A 290 -9.99 15.34 12.20
N SER A 291 -10.68 14.67 11.29
CA SER A 291 -11.46 13.49 11.65
C SER A 291 -10.61 12.34 12.13
N TYR A 292 -9.50 12.07 11.44
CA TYR A 292 -8.60 10.99 11.84
C TYR A 292 -7.98 11.29 13.19
N LYS A 293 -7.59 12.55 13.42
CA LYS A 293 -7.00 12.92 14.70
C LYS A 293 -7.98 12.85 15.85
N LYS A 294 -9.23 13.22 15.61
CA LYS A 294 -10.23 13.17 16.68
C LYS A 294 -10.49 11.74 17.16
N GLN A 295 -10.40 10.79 16.21
CA GLN A 295 -10.68 9.38 16.51
C GLN A 295 -9.44 8.65 17.05
N GLY A 296 -8.27 9.27 16.94
CA GLY A 296 -7.06 8.64 17.41
C GLY A 296 -6.54 7.62 16.42
N VAL A 297 -6.72 7.93 15.14
CA VAL A 297 -6.19 7.10 14.08
C VAL A 297 -5.03 7.85 13.41
N SER A 298 -3.89 7.18 13.28
CA SER A 298 -2.68 7.78 12.69
C SER A 298 -2.94 8.31 11.28
N ILE A 299 -2.37 9.49 11.00
CA ILE A 299 -2.45 10.11 9.69
C ILE A 299 -1.36 11.18 9.64
N VAL A 300 -0.93 11.56 8.44
CA VAL A 300 0.03 12.63 8.30
C VAL A 300 -0.43 13.61 7.21
N ASP A 301 -0.21 14.91 7.44
CA ASP A 301 -0.52 15.90 6.42
C ASP A 301 0.64 15.98 5.44
N HIS A 302 0.39 16.52 4.24
CA HIS A 302 1.41 16.51 3.19
C HIS A 302 2.60 17.42 3.49
N HIS A 303 2.41 18.42 4.35
CA HIS A 303 3.52 19.30 4.71
C HIS A 303 4.51 18.58 5.64
N THR A 304 3.96 17.93 6.66
CA THR A 304 4.75 17.19 7.62
C THR A 304 5.45 16.04 6.92
N ALA A 305 4.72 15.37 6.03
CA ALA A 305 5.27 14.26 5.25
C ALA A 305 6.45 14.71 4.39
N ALA A 306 6.31 15.85 3.72
CA ALA A 306 7.40 16.38 2.91
C ALA A 306 8.62 16.74 3.76
N SER A 307 8.39 17.26 4.97
CA SER A 307 9.49 17.57 5.89
C SER A 307 10.21 16.30 6.28
N GLN A 308 9.45 15.24 6.53
CA GLN A 308 10.03 13.95 6.87
C GLN A 308 10.85 13.42 5.69
N PHE A 309 10.32 13.57 4.47
CA PHE A 309 11.01 13.09 3.29
C PHE A 309 12.33 13.83 3.06
N LYS A 310 12.36 15.11 3.40
CA LYS A 310 13.60 15.89 3.35
C LYS A 310 14.66 15.25 4.24
N ARG A 311 14.24 14.80 5.43
CA ARG A 311 15.16 14.14 6.36
C ARG A 311 15.62 12.79 5.78
N PHE A 312 14.75 12.11 5.06
CA PHE A 312 15.12 10.88 4.36
C PHE A 312 16.22 11.19 3.35
N GLU A 313 16.05 12.25 2.57
CA GLU A 313 17.06 12.69 1.60
C GLU A 313 18.39 12.94 2.28
N GLU A 314 18.35 13.64 3.42
CA GLU A 314 19.55 14.00 4.16
C GLU A 314 20.23 12.75 4.73
N GLN A 315 19.43 11.80 5.22
CA GLN A 315 19.97 10.55 5.76
C GLN A 315 20.64 9.71 4.67
N ALA A 316 20.03 9.65 3.50
CA ALA A 316 20.60 8.93 2.37
C ALA A 316 21.99 9.48 2.05
N GLU A 317 22.10 10.80 1.99
CA GLU A 317 23.38 11.44 1.71
C GLU A 317 24.43 11.11 2.78
N GLU A 318 24.05 11.25 4.04
CA GLU A 318 24.97 10.99 5.15
C GLU A 318 25.42 9.52 5.18
N ALA A 319 24.54 8.62 4.76
CA ALA A 319 24.87 7.19 4.70
C ALA A 319 25.60 6.83 3.40
N GLY A 320 25.76 7.80 2.52
CA GLY A 320 26.44 7.56 1.25
C GLY A 320 25.63 6.72 0.29
N ARG A 321 24.32 6.75 0.44
CA ARG A 321 23.43 6.02 -0.47
C ARG A 321 22.87 6.93 -1.55
N LYS A 322 22.83 6.42 -2.78
CA LYS A 322 22.19 7.15 -3.87
C LYS A 322 20.71 7.24 -3.56
N LEU A 323 20.11 8.39 -3.82
CA LEU A 323 18.69 8.59 -3.60
C LEU A 323 17.95 8.47 -4.93
N THR A 324 16.86 7.71 -4.95
CA THR A 324 16.03 7.63 -6.14
C THR A 324 14.60 8.04 -5.82
N GLY A 325 13.87 8.55 -6.82
CA GLY A 325 12.53 9.01 -6.59
C GLY A 325 11.78 9.39 -7.86
N ASP A 326 10.45 9.33 -7.78
CA ASP A 326 9.59 9.70 -8.89
C ASP A 326 8.89 11.01 -8.55
N TRP A 327 9.40 12.11 -9.09
CA TRP A 327 8.86 13.44 -8.85
C TRP A 327 7.36 13.50 -9.05
N THR A 328 6.86 12.81 -10.08
CA THR A 328 5.44 12.89 -10.42
C THR A 328 4.53 12.26 -9.35
N TRP A 329 5.07 11.35 -8.54
CA TRP A 329 4.30 10.74 -7.46
C TRP A 329 4.62 11.33 -6.10
N LEU A 330 5.82 11.89 -5.96
CA LEU A 330 6.24 12.42 -4.66
C LEU A 330 5.56 13.76 -4.33
N ILE A 331 5.35 14.61 -5.34
CA ILE A 331 4.63 15.85 -5.10
C ILE A 331 3.19 15.55 -4.69
N PRO A 332 2.72 16.22 -3.64
CA PRO A 332 1.33 16.06 -3.21
C PRO A 332 0.37 16.74 -4.18
N PRO A 333 -0.87 16.25 -4.28
CA PRO A 333 -1.84 16.78 -5.25
C PRO A 333 -2.50 18.10 -4.80
N ILE A 334 -2.17 18.61 -3.62
CA ILE A 334 -2.56 19.98 -3.29
C ILE A 334 -1.38 20.79 -2.74
N SER A 335 -1.32 22.06 -3.12
CA SER A 335 -0.19 22.93 -2.82
C SER A 335 1.20 22.29 -3.02
N PRO A 336 1.42 21.58 -4.14
CA PRO A 336 2.73 20.93 -4.27
C PRO A 336 3.90 21.90 -4.23
N ALA A 337 3.73 23.11 -4.75
CA ALA A 337 4.82 24.08 -4.79
C ALA A 337 5.16 24.65 -3.41
N ALA A 338 4.37 24.28 -2.40
CA ALA A 338 4.65 24.67 -1.02
C ALA A 338 5.56 23.65 -0.33
N THR A 339 5.95 22.59 -1.05
CA THR A 339 6.88 21.60 -0.53
C THR A 339 8.23 21.73 -1.24
N HIS A 340 9.31 21.29 -0.59
CA HIS A 340 10.64 21.36 -1.19
C HIS A 340 10.76 20.42 -2.39
N ILE A 341 10.00 19.33 -2.35
CA ILE A 341 10.00 18.29 -3.38
C ILE A 341 9.78 18.89 -4.78
N PHE A 342 8.72 19.69 -4.89
CA PHE A 342 8.40 20.40 -6.12
C PHE A 342 9.61 21.11 -6.72
N HIS A 343 10.47 21.68 -5.87
CA HIS A 343 11.52 22.57 -6.34
C HIS A 343 12.87 21.90 -6.60
N ARG A 344 12.90 20.58 -6.59
CA ARG A 344 14.10 19.85 -7.00
C ARG A 344 13.75 18.67 -7.90
N SER A 345 14.76 17.97 -8.39
CA SER A 345 14.55 16.84 -9.28
C SER A 345 15.02 15.54 -8.64
N TYR A 346 14.52 14.42 -9.14
CA TYR A 346 14.86 13.10 -8.59
C TYR A 346 15.19 12.10 -9.70
N ASP A 347 16.22 11.29 -9.45
CA ASP A 347 16.60 10.19 -10.35
C ASP A 347 15.60 9.04 -10.18
N ASN A 348 14.88 8.70 -11.26
CA ASN A 348 13.83 7.68 -11.17
C ASN A 348 14.34 6.27 -11.53
N SER A 349 15.61 6.00 -11.24
CA SER A 349 16.18 4.68 -11.49
C SER A 349 15.58 3.61 -10.57
N ILE A 350 15.48 2.38 -11.07
CA ILE A 350 14.94 1.27 -10.28
C ILE A 350 16.07 0.49 -9.60
N VAL A 351 16.08 0.51 -8.27
CA VAL A 351 17.04 -0.24 -7.47
C VAL A 351 16.30 -1.38 -6.76
N LYS A 352 16.90 -2.56 -6.72
CA LYS A 352 16.31 -3.69 -6.00
C LYS A 352 17.08 -3.95 -4.71
N PRO A 353 16.40 -4.49 -3.67
CA PRO A 353 15.01 -4.94 -3.59
C PRO A 353 13.98 -3.85 -3.81
N ASN A 354 12.77 -4.23 -4.21
CA ASN A 354 11.72 -3.26 -4.47
C ASN A 354 10.35 -3.94 -4.56
N TYR A 355 9.30 -3.13 -4.57
CA TYR A 355 7.94 -3.61 -4.80
C TYR A 355 7.52 -3.31 -6.25
N PHE A 356 6.89 -4.28 -6.91
CA PHE A 356 6.54 -4.11 -8.32
C PHE A 356 5.08 -4.43 -8.60
N TYR A 357 4.54 -3.80 -9.66
CA TYR A 357 3.21 -4.15 -10.15
C TYR A 357 3.23 -5.56 -10.71
N GLN A 358 2.08 -6.22 -10.68
CA GLN A 358 1.91 -7.49 -11.39
C GLN A 358 0.53 -7.54 -12.00
N ASP A 359 0.36 -8.37 -13.02
CA ASP A 359 -0.93 -8.51 -13.69
C ASP A 359 -2.02 -8.99 -12.73
N LYS A 360 -3.24 -8.46 -12.89
CA LYS A 360 -4.37 -8.91 -12.10
C LYS A 360 -4.89 -10.25 -12.63
N PRO A 361 -5.25 -11.17 -11.72
CA PRO A 361 -5.82 -12.47 -12.10
C PRO A 361 -7.26 -12.37 -12.64
N TYR A 362 -7.96 -11.30 -12.31
CA TYR A 362 -9.25 -10.97 -12.91
C TYR A 362 -9.02 -9.85 -13.93
N GLU A 363 -10.08 -9.35 -14.55
CA GLU A 363 -9.98 -8.52 -15.76
C GLU A 363 -9.32 -9.31 -16.88
CHA HEM B . 3.34 5.21 -2.48
CHB HEM B . 2.82 7.59 1.71
CHC HEM B . 4.35 3.59 4.10
CHD HEM B . 5.53 1.56 -0.15
C1A HEM B . 2.98 6.11 -1.50
C2A HEM B . 2.19 7.26 -1.77
C3A HEM B . 2.06 7.92 -0.59
C4A HEM B . 2.76 7.20 0.39
CMA HEM B . 1.30 9.21 -0.39
CAA HEM B . 1.61 7.72 -3.09
CBA HEM B . 0.61 6.69 -3.65
CGA HEM B . -0.56 7.33 -4.34
O1A HEM B . -0.51 8.54 -4.67
O2A HEM B . -1.59 6.66 -4.57
C1B HEM B . 3.14 6.66 2.70
C2B HEM B . 2.93 6.92 4.08
C3B HEM B . 3.34 5.83 4.78
C4B HEM B . 3.83 4.86 3.77
CMB HEM B . 2.33 8.17 4.68
CAB HEM B . 3.28 5.68 6.26
CBB HEM B . 4.13 4.96 6.99
C1C HEM B . 4.77 2.63 3.17
C2C HEM B . 5.19 1.31 3.43
C3C HEM B . 5.55 0.73 2.21
C4C HEM B . 5.32 1.72 1.20
CMC HEM B . 5.24 0.67 4.78
CAC HEM B . 6.03 -0.65 1.95
CBC HEM B . 6.72 -1.42 2.80
C1D HEM B . 4.96 2.41 -1.10
C2D HEM B . 4.90 2.02 -2.51
C3D HEM B . 4.30 3.02 -3.16
C4D HEM B . 3.97 4.03 -2.14
CMD HEM B . 5.43 0.74 -3.13
CAD HEM B . 4.01 3.10 -4.64
CBD HEM B . 2.91 2.13 -5.08
CGD HEM B . 2.68 2.32 -6.55
O1D HEM B . 1.54 2.60 -6.97
O2D HEM B . 3.62 2.20 -7.37
NA HEM B . 3.34 6.09 -0.16
NB HEM B . 3.66 5.42 2.54
NC HEM B . 4.88 2.87 1.82
ND HEM B . 4.35 3.61 -0.92
FE HEM B . 4.24 4.52 0.73
N1 H4B C . 0.89 10.74 -8.06
C2 H4B C . 0.27 10.04 -7.07
N2 H4B C . 0.64 10.25 -5.78
N3 H4B C . -0.68 9.12 -7.32
C4 H4B C . -1.10 8.86 -8.56
O4 H4B C . -1.99 8.00 -8.76
C4A H4B C . -0.49 9.58 -9.69
C8A H4B C . 0.56 10.57 -9.35
N5 H4B C . -0.84 9.38 -10.98
N8 H4B C . 1.15 11.27 -10.33
C6 H4B C . -0.04 9.95 -12.07
C7 H4B C . 0.54 11.30 -11.64
C9 H4B C . -0.92 10.08 -13.31
O9 H4B C . -1.74 11.24 -13.21
C10 H4B C . -0.14 10.09 -14.64
C11 H4B C . 0.32 8.69 -15.02
O10 H4B C . 1.00 10.96 -14.57
CL CL D . -6.12 4.52 -0.97
F23 QJ7 E . -2.87 6.68 -10.68
C23 QJ7 E . -2.22 5.55 -11.01
C24 QJ7 E . -1.09 5.59 -11.83
C25 QJ7 E . -0.43 4.41 -12.15
C26 QJ7 E . -0.88 3.18 -11.66
C22 QJ7 E . -2.67 4.33 -10.52
C21 QJ7 E . -2.01 3.15 -10.84
C20 QJ7 E . -2.53 1.83 -10.29
C19 QJ7 E . -1.64 1.31 -9.16
N18 QJ7 E . -1.93 2.04 -7.91
C17 QJ7 E . -1.20 1.38 -6.80
C15 QJ7 E . -1.52 2.03 -5.47
C14 QJ7 E . -0.49 2.37 -4.58
C16 QJ7 E . -2.84 2.26 -5.12
N11 QJ7 E . -3.15 2.82 -3.95
C12 QJ7 E . -2.19 3.16 -3.09
C13 QJ7 E . -0.85 2.96 -3.37
O09 QJ7 E . 0.08 3.33 -2.45
C08 QJ7 E . -0.34 4.31 -1.51
C06 QJ7 E . 0.06 4.07 -0.08
N01 QJ7 E . -0.19 5.07 0.80
C02 QJ7 E . 0.13 4.96 2.11
N02 QJ7 E . -0.16 5.99 2.92
C03 QJ7 E . 0.72 3.80 2.58
C04 QJ7 E . 0.99 2.76 1.69
C05 QJ7 E . 0.66 2.90 0.34
C07 QJ7 E . 1.64 1.49 2.17
#